data_6CG6
#
_entry.id   6CG6
#
_cell.length_a   87.524
_cell.length_b   87.524
_cell.length_c   67.758
_cell.angle_alpha   90.00
_cell.angle_beta   90.00
_cell.angle_gamma   90.00
#
_symmetry.space_group_name_H-M   'P 41 21 2'
#
loop_
_entity.id
_entity.type
_entity.pdbx_description
1 polymer Cadherin-10
2 non-polymer 'CALCIUM ION'
3 non-polymer 1,2-ETHANEDIOL
4 non-polymer TRIS(HYDROXYETHYL)AMINOMETHANE
5 water water
#
_entity_poly.entity_id   1
_entity_poly.type   'polypeptide(L)'
_entity_poly.pdbx_seq_one_letter_code
;GWMWNQFFLLEEYTGSDYQYVGKLHSDQDKGDGSLKYILSGDGAGTLFIIDEKTGDIHATRRIDREEKAFYTLRAQAINR
RTLRPVEPESEFVIKIHDINDNEPTFPEEIYTASVPEMSVVGTSVVQVTATDADDPSYGNSARVIYSILQGQPYFSVEPE
TGIIRTALPNMNRENKEQYQVVIQAKDMGGQMGGLSGTTTVNITLTD
;
_entity_poly.pdbx_strand_id   A
#
# COMPACT_ATOMS: atom_id res chain seq x y z
N GLY A 1 28.50 4.58 -5.67
CA GLY A 1 27.74 5.13 -6.83
C GLY A 1 26.35 5.61 -6.49
N TRP A 2 26.18 6.93 -6.38
CA TRP A 2 24.85 7.50 -6.23
C TRP A 2 23.91 6.94 -7.29
N MET A 3 22.66 6.71 -6.90
CA MET A 3 21.63 6.19 -7.79
C MET A 3 20.62 7.30 -8.06
N TRP A 4 20.88 8.10 -9.09
CA TRP A 4 20.02 9.22 -9.43
C TRP A 4 19.00 8.88 -10.51
N ASN A 5 19.27 7.86 -11.34
CA ASN A 5 18.48 7.62 -12.54
C ASN A 5 17.14 6.95 -12.17
N GLN A 6 16.28 7.75 -11.52
CA GLN A 6 14.96 7.26 -11.19
C GLN A 6 14.05 8.45 -10.89
N PHE A 7 12.78 8.29 -11.26
CA PHE A 7 11.74 9.29 -10.99
C PHE A 7 10.73 8.71 -10.00
N PHE A 8 10.20 9.58 -9.16
CA PHE A 8 9.23 9.21 -8.13
C PHE A 8 7.88 9.80 -8.49
N LEU A 9 6.90 8.93 -8.69
CA LEU A 9 5.58 9.32 -9.17
C LEU A 9 4.52 8.89 -8.15
N LEU A 10 3.69 9.85 -7.73
CA LEU A 10 2.63 9.55 -6.79
C LEU A 10 1.50 8.79 -7.49
N GLU A 11 0.94 7.80 -6.80
CA GLU A 11 -0.05 6.93 -7.40
C GLU A 11 -1.45 7.54 -7.29
N GLU A 12 -2.37 6.99 -8.08
CA GLU A 12 -3.78 7.36 -8.04
C GLU A 12 -3.96 8.86 -8.29
N TYR A 13 -3.32 9.35 -9.36
CA TYR A 13 -3.49 10.73 -9.77
C TYR A 13 -4.86 10.91 -10.41
N THR A 14 -5.53 12.02 -10.07
CA THR A 14 -6.88 12.28 -10.57
C THR A 14 -7.02 13.67 -11.18
N GLY A 15 -5.92 14.36 -11.45
CA GLY A 15 -6.02 15.68 -12.08
C GLY A 15 -6.63 15.59 -13.47
N SER A 16 -7.22 16.71 -13.89
CA SER A 16 -7.86 16.77 -15.20
C SER A 16 -6.87 16.46 -16.30
N ASP A 17 -5.67 17.05 -16.22
CA ASP A 17 -4.66 16.88 -17.25
CA ASP A 17 -4.66 16.88 -17.25
C ASP A 17 -3.77 15.69 -16.90
N TYR A 18 -2.76 15.45 -17.73
CA TYR A 18 -1.82 14.37 -17.49
C TYR A 18 -0.93 14.69 -16.30
N GLN A 19 -0.33 13.65 -15.73
CA GLN A 19 0.54 13.78 -14.58
C GLN A 19 1.98 13.95 -15.03
N TYR A 20 2.65 14.96 -14.49
CA TYR A 20 4.03 15.23 -14.85
C TYR A 20 4.97 14.31 -14.08
N VAL A 21 5.86 13.66 -14.80
CA VAL A 21 6.80 12.71 -14.21
C VAL A 21 8.17 13.34 -13.98
N GLY A 22 8.70 14.00 -14.99
CA GLY A 22 10.04 14.57 -14.89
C GLY A 22 10.54 14.90 -16.28
N LYS A 23 11.81 15.31 -16.32
CA LYS A 23 12.44 15.78 -17.56
C LYS A 23 13.78 15.08 -17.74
N LEU A 24 13.85 14.19 -18.74
CA LEU A 24 15.14 13.67 -19.17
C LEU A 24 15.90 14.77 -19.91
N HIS A 25 17.22 14.83 -19.68
CA HIS A 25 18.00 15.89 -20.28
C HIS A 25 19.47 15.53 -20.22
N SER A 26 20.22 16.01 -21.21
CA SER A 26 21.66 15.87 -21.27
C SER A 26 22.31 17.25 -21.22
N ASP A 27 23.38 17.36 -20.44
CA ASP A 27 24.09 18.63 -20.34
C ASP A 27 24.65 19.08 -21.69
N GLN A 28 24.78 18.17 -22.64
CA GLN A 28 25.22 18.54 -23.99
C GLN A 28 24.15 19.30 -24.76
N ASP A 29 22.91 19.28 -24.29
CA ASP A 29 21.82 19.95 -24.98
C ASP A 29 21.96 21.47 -24.84
N LYS A 30 22.03 22.17 -25.97
CA LYS A 30 22.17 23.61 -25.98
C LYS A 30 20.84 24.33 -26.16
N GLY A 31 19.73 23.60 -26.30
CA GLY A 31 18.43 24.20 -26.48
C GLY A 31 18.08 24.53 -27.92
N ASP A 32 18.93 24.18 -28.88
CA ASP A 32 18.69 24.49 -30.28
C ASP A 32 17.77 23.49 -30.96
N GLY A 33 17.27 22.50 -30.23
CA GLY A 33 16.35 21.53 -30.80
C GLY A 33 17.00 20.44 -31.64
N SER A 34 18.33 20.46 -31.78
CA SER A 34 19.01 19.44 -32.58
C SER A 34 18.99 18.07 -31.91
N LEU A 35 18.59 17.98 -30.66
CA LEU A 35 18.51 16.71 -29.95
C LEU A 35 17.07 16.21 -29.90
N LYS A 36 16.92 14.89 -29.96
CA LYS A 36 15.61 14.24 -29.92
C LYS A 36 15.64 13.16 -28.84
N TYR A 37 15.03 13.45 -27.69
CA TYR A 37 14.96 12.50 -26.60
C TYR A 37 13.87 11.47 -26.89
N ILE A 38 14.26 10.21 -27.01
CA ILE A 38 13.34 9.11 -27.28
C ILE A 38 13.15 8.30 -26.00
N LEU A 39 11.93 7.83 -25.77
CA LEU A 39 11.62 6.97 -24.64
C LEU A 39 11.28 5.57 -25.15
N SER A 40 11.80 4.56 -24.46
CA SER A 40 11.54 3.18 -24.84
C SER A 40 11.51 2.32 -23.58
N GLY A 41 10.85 1.16 -23.71
CA GLY A 41 10.81 0.19 -22.64
C GLY A 41 9.40 -0.03 -22.13
N ASP A 42 9.33 -0.41 -20.85
CA ASP A 42 8.05 -0.79 -20.24
C ASP A 42 7.09 0.39 -20.22
N GLY A 43 5.98 0.25 -20.94
CA GLY A 43 4.96 1.27 -20.97
C GLY A 43 5.26 2.48 -21.82
N ALA A 44 6.50 2.65 -22.29
CA ALA A 44 6.86 3.80 -23.10
C ALA A 44 5.93 3.93 -24.30
N GLY A 45 5.67 5.18 -24.69
CA GLY A 45 4.84 5.44 -25.84
C GLY A 45 3.35 5.44 -25.54
N THR A 46 2.93 4.66 -24.55
CA THR A 46 1.51 4.57 -24.21
C THR A 46 1.26 5.15 -22.83
N LEU A 47 1.54 4.38 -21.79
CA LEU A 47 1.35 4.87 -20.42
C LEU A 47 2.19 6.11 -20.16
N PHE A 48 3.46 6.06 -20.53
CA PHE A 48 4.38 7.18 -20.35
C PHE A 48 4.76 7.74 -21.71
N ILE A 49 4.93 9.06 -21.76
CA ILE A 49 5.18 9.78 -23.00
C ILE A 49 6.22 10.86 -22.74
N ILE A 50 6.97 11.19 -23.78
CA ILE A 50 8.07 12.15 -23.68
C ILE A 50 7.89 13.24 -24.73
N ASP A 51 8.26 14.47 -24.38
CA ASP A 51 8.33 15.58 -25.33
C ASP A 51 9.72 15.54 -25.95
N GLU A 52 9.81 15.06 -27.19
CA GLU A 52 11.09 14.70 -27.76
C GLU A 52 12.03 15.89 -27.95
N LYS A 53 11.58 17.12 -27.71
CA LYS A 53 12.45 18.29 -27.82
C LYS A 53 13.03 18.73 -26.48
N THR A 54 12.25 18.64 -25.41
CA THR A 54 12.69 19.06 -24.08
C THR A 54 13.02 17.91 -23.15
N GLY A 55 12.35 16.77 -23.30
CA GLY A 55 12.56 15.62 -22.45
C GLY A 55 11.53 15.45 -21.35
N ASP A 56 10.51 16.29 -21.31
CA ASP A 56 9.49 16.20 -20.27
C ASP A 56 8.65 14.94 -20.45
N ILE A 57 8.49 14.17 -19.37
CA ILE A 57 7.74 12.92 -19.39
C ILE A 57 6.43 13.13 -18.63
N HIS A 58 5.37 12.48 -19.13
CA HIS A 58 4.06 12.54 -18.51
C HIS A 58 3.44 11.15 -18.47
N ALA A 59 2.50 10.97 -17.56
CA ALA A 59 1.74 9.73 -17.45
C ALA A 59 0.31 9.99 -17.90
N THR A 60 -0.18 9.15 -18.82
CA THR A 60 -1.49 9.35 -19.43
C THR A 60 -2.61 8.64 -18.68
N ARG A 61 -2.30 7.75 -17.75
CA ARG A 61 -3.30 6.95 -17.07
C ARG A 61 -3.08 7.02 -15.56
N ARG A 62 -4.16 6.82 -14.83
CA ARG A 62 -4.09 6.78 -13.37
C ARG A 62 -3.43 5.48 -12.93
N ILE A 63 -2.31 5.60 -12.23
CA ILE A 63 -1.47 4.45 -11.88
C ILE A 63 -1.80 3.98 -10.48
N ASP A 64 -1.77 2.66 -10.29
CA ASP A 64 -2.10 2.02 -9.02
C ASP A 64 -0.87 1.25 -8.54
N ARG A 65 -0.26 1.72 -7.45
CA ARG A 65 0.96 1.08 -6.95
C ARG A 65 0.68 -0.37 -6.56
N GLU A 66 -0.44 -0.63 -5.90
CA GLU A 66 -0.77 -1.99 -5.47
C GLU A 66 -0.90 -2.94 -6.65
N GLU A 67 -1.04 -2.41 -7.87
CA GLU A 67 -1.07 -3.23 -9.08
C GLU A 67 0.29 -3.30 -9.76
N LYS A 68 1.12 -2.28 -9.60
CA LYS A 68 2.50 -2.28 -10.10
C LYS A 68 3.24 -1.07 -9.56
N ALA A 69 4.37 -1.30 -8.88
CA ALA A 69 5.04 -0.27 -8.12
C ALA A 69 6.28 0.29 -8.82
N PHE A 70 6.80 -0.37 -9.84
CA PHE A 70 7.99 0.08 -10.54
C PHE A 70 7.80 -0.09 -12.04
N TYR A 71 8.44 0.79 -12.80
CA TYR A 71 8.43 0.73 -14.26
C TYR A 71 9.84 1.01 -14.75
N THR A 72 10.41 0.08 -15.52
CA THR A 72 11.75 0.22 -16.06
C THR A 72 11.67 0.72 -17.50
N LEU A 73 12.38 1.81 -17.78
CA LEU A 73 12.41 2.38 -19.11
C LEU A 73 13.84 2.77 -19.45
N ARG A 74 14.07 3.03 -20.74
CA ARG A 74 15.38 3.40 -21.24
C ARG A 74 15.29 4.75 -21.95
N ALA A 75 16.34 5.54 -21.82
CA ALA A 75 16.41 6.87 -22.40
C ALA A 75 17.54 6.93 -23.42
N GLN A 76 17.33 7.69 -24.48
CA GLN A 76 18.36 7.92 -25.49
C GLN A 76 18.26 9.34 -26.00
N ALA A 77 19.35 10.09 -25.89
CA ALA A 77 19.48 11.37 -26.57
C ALA A 77 20.23 11.14 -27.87
N ILE A 78 19.69 11.66 -28.98
CA ILE A 78 20.22 11.39 -30.30
C ILE A 78 20.28 12.70 -31.09
N ASN A 79 21.18 12.71 -32.08
CA ASN A 79 21.23 13.82 -33.03
C ASN A 79 20.05 13.72 -33.99
N ARG A 80 19.17 14.71 -33.96
CA ARG A 80 17.87 14.60 -34.64
C ARG A 80 18.02 14.35 -36.12
N ARG A 81 19.11 14.80 -36.74
CA ARG A 81 19.26 14.74 -38.19
C ARG A 81 20.00 13.49 -38.66
N THR A 82 20.99 13.02 -37.89
CA THR A 82 21.82 11.89 -38.30
C THR A 82 21.52 10.62 -37.52
N LEU A 83 20.65 10.68 -36.52
CA LEU A 83 20.37 9.54 -35.65
C LEU A 83 21.66 9.01 -35.01
N ARG A 84 22.62 9.92 -34.78
CA ARG A 84 23.87 9.55 -34.12
C ARG A 84 23.73 9.81 -32.62
N PRO A 85 23.95 8.80 -31.77
CA PRO A 85 23.75 9.01 -30.32
C PRO A 85 24.68 10.07 -29.75
N VAL A 86 24.13 10.92 -28.89
CA VAL A 86 24.94 11.87 -28.12
C VAL A 86 25.25 11.31 -26.75
N GLU A 87 24.31 10.58 -26.16
CA GLU A 87 24.46 9.95 -24.85
C GLU A 87 24.15 8.47 -24.98
N PRO A 88 24.59 7.66 -24.02
CA PRO A 88 24.35 6.22 -24.11
C PRO A 88 22.95 5.85 -23.66
N GLU A 89 22.47 4.71 -24.18
CA GLU A 89 21.11 4.24 -23.90
C GLU A 89 21.04 3.85 -22.42
N SER A 90 20.87 4.85 -21.58
CA SER A 90 20.84 4.65 -20.15
C SER A 90 19.48 4.15 -19.67
N GLU A 91 19.51 3.25 -18.71
CA GLU A 91 18.29 2.69 -18.14
C GLU A 91 17.89 3.49 -16.90
N PHE A 92 16.59 3.80 -16.79
CA PHE A 92 16.08 4.49 -15.62
C PHE A 92 14.78 3.84 -15.19
N VAL A 93 14.31 4.20 -14.00
CA VAL A 93 13.16 3.57 -13.38
C VAL A 93 12.20 4.64 -12.88
N ILE A 94 10.90 4.38 -13.00
CA ILE A 94 9.86 5.24 -12.47
C ILE A 94 9.28 4.53 -11.25
N LYS A 95 9.64 5.01 -10.06
CA LYS A 95 9.13 4.43 -8.83
C LYS A 95 7.74 5.01 -8.54
N ILE A 96 6.75 4.14 -8.42
CA ILE A 96 5.40 4.55 -8.06
C ILE A 96 5.30 4.68 -6.55
N HIS A 97 5.08 5.90 -6.07
CA HIS A 97 5.01 6.15 -4.64
C HIS A 97 3.62 5.78 -4.11
N ASP A 98 3.56 5.56 -2.81
CA ASP A 98 2.38 4.98 -2.18
C ASP A 98 1.56 6.04 -1.46
N ILE A 99 0.24 5.86 -1.51
CA ILE A 99 -0.71 6.56 -0.65
C ILE A 99 -1.53 5.50 0.08
N ASN A 100 -2.09 5.90 1.21
CA ASN A 100 -2.93 5.00 2.00
C ASN A 100 -4.29 4.91 1.33
N ASP A 101 -4.45 3.93 0.43
CA ASP A 101 -5.69 3.72 -0.29
C ASP A 101 -6.09 2.24 -0.29
N ASN A 102 -5.75 1.52 0.77
CA ASN A 102 -6.13 0.12 0.92
C ASN A 102 -6.46 -0.13 2.38
N GLU A 103 -7.72 -0.46 2.66
CA GLU A 103 -8.13 -0.69 4.04
C GLU A 103 -7.64 -2.05 4.53
N PRO A 104 -7.30 -2.16 5.81
CA PRO A 104 -6.93 -3.49 6.34
C PRO A 104 -8.03 -4.50 6.09
N THR A 105 -7.62 -5.74 5.80
CA THR A 105 -8.56 -6.78 5.44
C THR A 105 -8.19 -8.08 6.14
N PHE A 106 -9.19 -8.74 6.73
CA PHE A 106 -8.99 -10.05 7.31
C PHE A 106 -9.23 -11.13 6.26
N PRO A 107 -8.59 -12.29 6.40
CA PRO A 107 -8.75 -13.33 5.37
C PRO A 107 -10.14 -13.95 5.37
N GLU A 108 -10.82 -13.98 6.52
CA GLU A 108 -12.14 -14.57 6.62
C GLU A 108 -13.11 -13.58 7.25
N GLU A 109 -14.35 -13.60 6.78
CA GLU A 109 -15.37 -12.70 7.32
C GLU A 109 -15.71 -13.06 8.76
N ILE A 110 -15.65 -14.33 9.13
CA ILE A 110 -16.01 -14.78 10.47
C ILE A 110 -15.02 -15.82 10.93
N TYR A 111 -14.41 -15.58 12.10
CA TYR A 111 -13.55 -16.55 12.76
C TYR A 111 -14.38 -17.42 13.70
N THR A 112 -13.79 -18.56 14.07
CA THR A 112 -14.42 -19.47 15.02
C THR A 112 -13.36 -19.94 16.00
N ALA A 113 -13.65 -19.83 17.29
CA ALA A 113 -12.69 -20.18 18.32
C ALA A 113 -13.44 -20.61 19.57
N SER A 114 -12.68 -21.05 20.57
CA SER A 114 -13.25 -21.49 21.84
C SER A 114 -12.34 -21.03 22.97
N VAL A 115 -12.86 -21.17 24.18
CA VAL A 115 -12.06 -20.97 25.39
C VAL A 115 -12.78 -21.69 26.53
N PRO A 116 -12.07 -22.39 27.41
CA PRO A 116 -12.76 -23.04 28.53
C PRO A 116 -13.46 -22.03 29.42
N GLU A 117 -14.62 -22.42 29.94
CA GLU A 117 -15.29 -21.61 30.95
C GLU A 117 -14.37 -21.48 32.16
N MET A 118 -14.61 -20.44 32.96
CA MET A 118 -13.85 -20.22 34.19
C MET A 118 -12.36 -20.10 33.91
N SER A 119 -11.99 -19.67 32.71
CA SER A 119 -10.58 -19.43 32.40
C SER A 119 -10.11 -18.17 33.11
N VAL A 120 -8.83 -18.18 33.50
CA VAL A 120 -8.26 -17.02 34.16
C VAL A 120 -8.26 -15.84 33.19
N VAL A 121 -8.41 -14.63 33.75
CA VAL A 121 -8.38 -13.43 32.94
C VAL A 121 -7.08 -13.37 32.15
N GLY A 122 -7.17 -12.98 30.88
CA GLY A 122 -6.02 -12.95 30.02
C GLY A 122 -5.74 -14.24 29.28
N THR A 123 -6.66 -15.20 29.33
CA THR A 123 -6.47 -16.45 28.60
C THR A 123 -6.63 -16.20 27.12
N SER A 124 -5.75 -16.83 26.33
CA SER A 124 -5.74 -16.61 24.89
C SER A 124 -6.85 -17.41 24.22
N VAL A 125 -7.64 -16.73 23.37
CA VAL A 125 -8.75 -17.33 22.64
C VAL A 125 -8.39 -17.59 21.18
N VAL A 126 -8.10 -16.54 20.42
CA VAL A 126 -7.67 -16.66 19.02
C VAL A 126 -6.92 -15.39 18.67
N GLN A 127 -6.08 -15.47 17.64
CA GLN A 127 -5.32 -14.32 17.16
C GLN A 127 -5.76 -14.03 15.73
N VAL A 128 -6.41 -12.88 15.54
CA VAL A 128 -6.83 -12.45 14.21
C VAL A 128 -5.76 -11.55 13.64
N THR A 129 -5.57 -11.63 12.32
CA THR A 129 -4.53 -10.87 11.64
C THR A 129 -5.11 -10.31 10.35
N ALA A 130 -5.09 -8.99 10.23
CA ALA A 130 -5.49 -8.32 9.01
C ALA A 130 -4.26 -7.92 8.22
N THR A 131 -4.40 -7.95 6.89
CA THR A 131 -3.33 -7.52 5.99
C THR A 131 -3.67 -6.14 5.41
N ASP A 132 -2.63 -5.44 4.98
CA ASP A 132 -2.77 -4.13 4.36
C ASP A 132 -1.89 -4.10 3.12
N ALA A 133 -2.51 -3.85 1.96
CA ALA A 133 -1.80 -3.90 0.69
C ALA A 133 -0.92 -2.68 0.43
N ASP A 134 -1.00 -1.66 1.28
CA ASP A 134 -0.16 -0.48 1.09
C ASP A 134 1.30 -0.82 1.37
N ASP A 135 2.14 0.21 1.31
CA ASP A 135 3.58 0.02 1.47
C ASP A 135 3.95 0.05 2.95
N PRO A 136 4.43 -1.05 3.53
CA PRO A 136 4.84 -1.00 4.94
C PRO A 136 6.12 -0.21 5.16
N SER A 137 7.04 -0.20 4.21
CA SER A 137 8.31 0.51 4.37
C SER A 137 8.16 2.02 4.28
N TYR A 138 6.95 2.55 4.15
CA TYR A 138 6.73 3.98 4.12
C TYR A 138 5.47 4.32 4.91
N GLY A 139 5.63 5.22 5.87
CA GLY A 139 4.49 5.73 6.62
C GLY A 139 3.69 4.68 7.35
N ASN A 140 2.57 5.08 7.97
CA ASN A 140 1.69 4.17 8.69
C ASN A 140 0.57 3.63 7.81
N SER A 141 0.72 3.72 6.49
CA SER A 141 -0.34 3.27 5.60
C SER A 141 -0.62 1.78 5.73
N ALA A 142 0.31 1.02 6.33
CA ALA A 142 0.11 -0.41 6.54
C ALA A 142 0.30 -0.84 7.98
N ARG A 143 0.58 0.09 8.90
CA ARG A 143 0.70 -0.25 10.32
C ARG A 143 -0.69 -0.38 10.90
N VAL A 144 -1.08 -1.61 11.24
CA VAL A 144 -2.45 -1.94 11.65
C VAL A 144 -2.52 -2.04 13.16
N ILE A 145 -3.59 -1.50 13.73
CA ILE A 145 -3.87 -1.58 15.17
C ILE A 145 -5.25 -2.19 15.34
N TYR A 146 -5.39 -3.05 16.35
CA TYR A 146 -6.61 -3.81 16.56
C TYR A 146 -7.37 -3.24 17.75
N SER A 147 -8.69 -3.22 17.64
CA SER A 147 -9.58 -2.77 18.69
C SER A 147 -10.83 -3.63 18.69
N ILE A 148 -11.49 -3.71 19.83
CA ILE A 148 -12.67 -4.55 20.02
C ILE A 148 -13.90 -3.65 19.98
N LEU A 149 -14.72 -3.82 18.94
CA LEU A 149 -15.95 -3.06 18.81
C LEU A 149 -17.09 -3.69 19.61
N GLN A 150 -17.08 -5.00 19.77
CA GLN A 150 -18.13 -5.72 20.48
C GLN A 150 -17.52 -6.91 21.18
N GLY A 151 -17.86 -7.08 22.46
CA GLY A 151 -17.36 -8.20 23.23
C GLY A 151 -16.72 -7.80 24.54
N GLN A 152 -16.98 -6.56 24.97
CA GLN A 152 -16.42 -6.06 26.22
C GLN A 152 -17.54 -5.97 27.26
N PRO A 153 -17.20 -6.08 28.54
CA PRO A 153 -15.86 -6.27 29.09
C PRO A 153 -15.43 -7.73 29.15
N TYR A 154 -16.17 -8.61 28.45
CA TYR A 154 -15.87 -10.04 28.53
C TYR A 154 -14.51 -10.35 27.90
N PHE A 155 -14.16 -9.63 26.83
CA PHE A 155 -12.94 -9.91 26.09
C PHE A 155 -12.16 -8.62 25.84
N SER A 156 -10.89 -8.80 25.53
CA SER A 156 -10.01 -7.71 25.13
C SER A 156 -9.16 -8.19 23.96
N VAL A 157 -8.62 -7.23 23.22
CA VAL A 157 -7.74 -7.52 22.10
C VAL A 157 -6.47 -6.68 22.25
N GLU A 158 -5.33 -7.34 22.11
CA GLU A 158 -4.05 -6.63 22.13
C GLU A 158 -3.96 -5.75 20.89
N PRO A 159 -3.77 -4.44 21.03
CA PRO A 159 -3.84 -3.56 19.84
C PRO A 159 -2.82 -3.89 18.77
N GLU A 160 -1.64 -4.41 19.13
CA GLU A 160 -0.57 -4.59 18.17
C GLU A 160 -0.53 -6.00 17.57
N THR A 161 -1.21 -6.97 18.18
CA THR A 161 -1.10 -8.36 17.76
C THR A 161 -2.40 -8.96 17.25
N GLY A 162 -3.55 -8.51 17.76
CA GLY A 162 -4.82 -9.13 17.42
C GLY A 162 -5.19 -10.31 18.29
N ILE A 163 -4.45 -10.57 19.36
CA ILE A 163 -4.76 -11.65 20.27
C ILE A 163 -6.01 -11.28 21.07
N ILE A 164 -7.06 -12.08 20.93
CA ILE A 164 -8.26 -11.92 21.72
C ILE A 164 -8.12 -12.76 22.98
N ARG A 165 -8.37 -12.14 24.14
CA ARG A 165 -8.22 -12.82 25.42
C ARG A 165 -9.46 -12.62 26.26
N THR A 166 -9.73 -13.58 27.14
CA THR A 166 -10.78 -13.40 28.13
C THR A 166 -10.38 -12.28 29.08
N ALA A 167 -11.35 -11.46 29.46
CA ALA A 167 -11.11 -10.32 30.32
C ALA A 167 -11.84 -10.38 31.64
N LEU A 168 -12.75 -11.33 31.83
CA LEU A 168 -13.49 -11.47 33.07
C LEU A 168 -13.38 -12.89 33.60
N PRO A 169 -13.37 -13.06 34.92
CA PRO A 169 -13.55 -14.38 35.49
C PRO A 169 -15.03 -14.73 35.60
N ASN A 170 -15.31 -15.98 35.96
CA ASN A 170 -16.68 -16.45 36.12
C ASN A 170 -17.49 -16.17 34.87
N MET A 171 -17.05 -16.77 33.77
CA MET A 171 -17.81 -16.79 32.53
C MET A 171 -18.44 -18.17 32.45
N ASN A 172 -19.63 -18.29 33.06
CA ASN A 172 -20.30 -19.58 33.16
C ASN A 172 -20.73 -20.07 31.78
N ARG A 173 -20.40 -21.32 31.48
CA ARG A 173 -20.94 -21.95 30.28
C ARG A 173 -22.43 -22.20 30.40
N GLU A 174 -22.91 -22.47 31.62
CA GLU A 174 -24.33 -22.59 31.86
C GLU A 174 -25.05 -21.27 31.59
N ASN A 175 -24.52 -20.18 32.15
CA ASN A 175 -25.11 -18.85 31.99
C ASN A 175 -25.17 -18.48 30.52
N LYS A 176 -24.02 -18.26 29.90
CA LYS A 176 -23.92 -17.93 28.48
C LYS A 176 -22.91 -18.87 27.84
N GLU A 177 -23.24 -19.36 26.65
CA GLU A 177 -22.44 -20.39 26.00
C GLU A 177 -21.78 -19.96 24.70
N GLN A 178 -22.30 -18.95 24.00
CA GLN A 178 -21.67 -18.44 22.79
C GLN A 178 -21.64 -16.93 22.82
N TYR A 179 -20.45 -16.35 22.76
CA TYR A 179 -20.24 -14.91 22.68
C TYR A 179 -19.85 -14.53 21.25
N GLN A 180 -20.23 -13.32 20.87
CA GLN A 180 -19.91 -12.78 19.54
C GLN A 180 -19.05 -11.55 19.72
N VAL A 181 -17.85 -11.56 19.12
CA VAL A 181 -16.87 -10.50 19.27
C VAL A 181 -16.59 -9.90 17.90
N VAL A 182 -16.57 -8.57 17.82
CA VAL A 182 -16.19 -7.86 16.61
C VAL A 182 -14.85 -7.19 16.87
N ILE A 183 -13.94 -7.31 15.90
CA ILE A 183 -12.61 -6.72 15.99
C ILE A 183 -12.44 -5.77 14.81
N GLN A 184 -11.95 -4.57 15.09
CA GLN A 184 -11.60 -3.61 14.05
C GLN A 184 -10.09 -3.59 13.87
N ALA A 185 -9.66 -3.47 12.63
CA ALA A 185 -8.26 -3.31 12.27
C ALA A 185 -8.14 -2.02 11.47
N LYS A 186 -7.59 -0.98 12.10
CA LYS A 186 -7.49 0.34 11.50
C LYS A 186 -6.03 0.68 11.26
N ASP A 187 -5.71 1.13 10.05
CA ASP A 187 -4.34 1.43 9.68
C ASP A 187 -3.97 2.85 10.16
N MET A 188 -2.86 3.37 9.66
CA MET A 188 -2.36 4.68 10.07
C MET A 188 -2.08 4.71 11.57
N GLY A 189 -1.73 3.55 12.13
CA GLY A 189 -1.58 3.42 13.57
C GLY A 189 -2.89 3.37 14.32
N GLY A 190 -4.01 3.18 13.64
CA GLY A 190 -5.30 3.17 14.29
C GLY A 190 -5.76 4.53 14.76
N GLN A 191 -5.40 5.59 14.05
CA GLN A 191 -5.68 6.96 14.46
C GLN A 191 -6.51 7.66 13.41
N MET A 192 -6.84 8.93 13.72
CA MET A 192 -7.75 9.71 12.90
C MET A 192 -7.34 9.69 11.44
N GLY A 193 -8.32 9.47 10.57
CA GLY A 193 -8.07 9.41 9.14
C GLY A 193 -7.61 8.07 8.63
N GLY A 194 -7.44 7.08 9.50
CA GLY A 194 -7.01 5.77 9.05
C GLY A 194 -8.17 4.93 8.54
N LEU A 195 -7.85 4.04 7.61
CA LEU A 195 -8.82 3.11 7.06
C LEU A 195 -8.95 1.89 7.95
N SER A 196 -10.14 1.29 7.96
CA SER A 196 -10.45 0.26 8.93
C SER A 196 -11.16 -0.91 8.26
N GLY A 197 -10.90 -2.10 8.78
CA GLY A 197 -11.67 -3.29 8.43
C GLY A 197 -12.06 -4.03 9.69
N THR A 198 -13.13 -4.82 9.56
CA THR A 198 -13.70 -5.53 10.70
C THR A 198 -13.83 -7.01 10.39
N THR A 199 -14.07 -7.78 11.46
CA THR A 199 -14.38 -9.19 11.35
C THR A 199 -15.14 -9.59 12.61
N THR A 200 -15.82 -10.73 12.52
CA THR A 200 -16.60 -11.26 13.63
C THR A 200 -15.98 -12.57 14.10
N VAL A 201 -15.89 -12.72 15.41
CA VAL A 201 -15.32 -13.91 16.03
C VAL A 201 -16.40 -14.56 16.87
N ASN A 202 -16.87 -15.73 16.44
CA ASN A 202 -17.79 -16.51 17.24
C ASN A 202 -16.98 -17.35 18.24
N ILE A 203 -17.27 -17.17 19.52
CA ILE A 203 -16.57 -17.85 20.60
C ILE A 203 -17.57 -18.75 21.31
N THR A 204 -17.08 -19.89 21.78
CA THR A 204 -17.89 -20.85 22.52
C THR A 204 -17.16 -21.27 23.77
N LEU A 205 -17.84 -21.18 24.92
CA LEU A 205 -17.28 -21.65 26.17
C LEU A 205 -17.47 -23.16 26.29
N THR A 206 -16.42 -23.84 26.76
CA THR A 206 -16.38 -25.29 26.78
C THR A 206 -16.18 -25.79 28.22
N ASP A 207 -16.33 -27.10 28.38
CA ASP A 207 -16.12 -27.76 29.67
C ASP A 207 -14.86 -28.60 29.65
#